data_4C5G
#
_entry.id   4C5G
#
_cell.length_a   155.100
_cell.length_b   155.100
_cell.length_c   100.830
_cell.angle_alpha   90.00
_cell.angle_beta   90.00
_cell.angle_gamma   120.00
#
_symmetry.space_group_name_H-M   'P 61 2 2'
#
loop_
_entity.id
_entity.type
_entity.pdbx_description
1 polymer 'POLYCOMB PROTEIN SFMBT'
2 polymer 'POLYCOMB PROTEIN PHO'
3 water water
#
loop_
_entity_poly.entity_id
_entity_poly.type
_entity_poly.pdbx_seq_one_letter_code
_entity_poly.pdbx_strand_id
1 'polypeptide(L)'
;MDPTHSYDWLPRLSKENFNAAPVTCFPHAPGCEVWDNLGVGMKVEVENTDCDSIEVIQPGQTPTSFWVATILEIKGYKAL
MSYEGFDTDSHDFWVNLCNAEVHSVGWCATRGKPLIPPRTIEHKYKDWKDFLVGRLSGARTLPSNFYNKINDSLQSRFRL
GLNLECVDKDRISQVRLATVTKIVGKRLFLRYFDSDDGFWCHEDSPIIHPVGWATTVGHNLAAPQDYLERMLAGREAMIE
VHEDDATIELFKMNFTFDEYYSDGKTNSFVEGMKLEAVDPLNLSSICPATVMAVLKFGYMMIRIDSYQPDASGSDWFCYH
EKSPCIFPAGFCSVNNISVTPPNGYDSRTFTWEGYLRDTGAVAAGQHLFHRIIPDHGFEVGMSLECADLMDPRLVCVATV
ARVVGRLLKVHFDGWTDEYDQWLDCESADIYPVGWCVLVNHKLEGPPRVAH
;
A
2 'polypeptide(L)' AGMASRRWEQKLVHIKTMEGEFSVTMWASGIS B
#
# COMPACT_ATOMS: atom_id res chain seq x y z
N THR A 4 17.89 5.20 16.14
CA THR A 4 17.28 3.90 16.37
C THR A 4 17.17 3.13 15.05
N HIS A 5 17.25 1.81 15.14
CA HIS A 5 17.23 0.96 13.95
C HIS A 5 15.80 0.69 13.47
N SER A 6 15.68 0.37 12.18
CA SER A 6 14.40 -0.04 11.61
C SER A 6 14.00 -1.39 12.19
N TYR A 7 12.71 -1.55 12.49
CA TYR A 7 12.24 -2.76 13.15
C TYR A 7 12.20 -3.97 12.21
N ASP A 8 12.85 -5.05 12.62
CA ASP A 8 12.81 -6.31 11.88
C ASP A 8 11.65 -7.16 12.36
N TRP A 9 10.83 -7.64 11.43
CA TRP A 9 9.68 -8.47 11.75
C TRP A 9 10.07 -9.84 12.29
N LEU A 10 11.34 -10.19 12.13
CA LEU A 10 11.87 -11.53 12.43
C LEU A 10 11.33 -12.25 13.67
N PRO A 11 11.37 -11.60 14.85
CA PRO A 11 10.87 -12.32 16.03
C PRO A 11 9.37 -12.60 16.00
N ARG A 12 8.60 -11.76 15.30
CA ARG A 12 7.17 -11.99 15.16
C ARG A 12 6.90 -13.15 14.22
N LEU A 13 7.71 -13.25 13.16
CA LEU A 13 7.56 -14.30 12.16
C LEU A 13 7.80 -15.66 12.78
N SER A 14 8.72 -15.69 13.75
CA SER A 14 9.14 -16.93 14.40
C SER A 14 8.21 -17.36 15.53
N LYS A 15 6.96 -16.90 15.46
CA LYS A 15 5.96 -17.25 16.47
C LYS A 15 4.81 -17.99 15.82
N GLU A 16 4.18 -18.88 16.59
CA GLU A 16 3.06 -19.66 16.09
C GLU A 16 1.86 -18.76 15.81
N ASN A 17 1.15 -19.06 14.74
CA ASN A 17 -0.10 -18.36 14.40
C ASN A 17 0.08 -16.86 14.19
N PHE A 18 1.20 -16.45 13.62
CA PHE A 18 1.41 -15.06 13.25
C PHE A 18 0.66 -14.78 11.95
N ASN A 19 -0.21 -13.78 11.98
CA ASN A 19 -1.08 -13.51 10.84
C ASN A 19 -0.75 -12.20 10.13
N ALA A 20 -0.29 -12.30 8.90
CA ALA A 20 0.02 -11.13 8.09
C ALA A 20 -0.93 -11.05 6.90
N ALA A 21 -1.40 -9.84 6.60
CA ALA A 21 -2.23 -9.63 5.42
C ALA A 21 -1.39 -9.91 4.18
N PRO A 22 -1.89 -10.77 3.28
CA PRO A 22 -1.15 -11.09 2.06
C PRO A 22 -1.01 -9.88 1.15
N VAL A 23 0.01 -9.91 0.30
CA VAL A 23 0.30 -8.81 -0.62
C VAL A 23 -0.90 -8.49 -1.51
N THR A 24 -1.67 -9.51 -1.85
CA THR A 24 -2.84 -9.35 -2.70
C THR A 24 -3.92 -8.45 -2.11
N CYS A 25 -3.82 -8.11 -0.83
CA CYS A 25 -4.77 -7.22 -0.17
C CYS A 25 -4.47 -5.75 -0.47
N PHE A 26 -3.30 -5.49 -1.04
CA PHE A 26 -2.84 -4.12 -1.25
C PHE A 26 -2.62 -3.86 -2.74
N PRO A 27 -3.65 -3.31 -3.42
CA PRO A 27 -3.65 -3.10 -4.87
C PRO A 27 -2.46 -2.26 -5.34
N HIS A 28 -2.05 -1.30 -4.52
CA HIS A 28 -0.97 -0.39 -4.88
C HIS A 28 0.41 -0.99 -4.62
N ALA A 29 0.46 -2.03 -3.81
CA ALA A 29 1.73 -2.65 -3.42
C ALA A 29 2.41 -3.32 -4.61
N PRO A 30 3.75 -3.20 -4.68
CA PRO A 30 4.54 -3.83 -5.73
C PRO A 30 4.39 -5.36 -5.70
N GLY A 31 4.13 -5.95 -6.87
CA GLY A 31 4.04 -7.39 -6.98
C GLY A 31 2.63 -7.93 -6.79
N CYS A 32 1.69 -7.06 -6.44
CA CYS A 32 0.31 -7.48 -6.18
C CYS A 32 -0.33 -8.18 -7.38
N GLU A 33 0.00 -7.70 -8.57
CA GLU A 33 -0.61 -8.19 -9.81
C GLU A 33 -0.16 -9.60 -10.17
N VAL A 34 1.07 -9.94 -9.79
CA VAL A 34 1.64 -11.24 -10.16
C VAL A 34 1.87 -12.14 -8.96
N TRP A 35 1.36 -11.73 -7.80
CA TRP A 35 1.63 -12.46 -6.56
C TRP A 35 1.03 -13.87 -6.54
N ASP A 36 -0.02 -14.07 -7.32
CA ASP A 36 -0.68 -15.38 -7.37
C ASP A 36 0.18 -16.42 -8.11
N ASN A 37 1.28 -15.96 -8.70
CA ASN A 37 2.23 -16.87 -9.33
C ASN A 37 3.15 -17.49 -8.29
N LEU A 38 2.94 -17.10 -7.04
CA LEU A 38 3.66 -17.68 -5.91
C LEU A 38 2.76 -18.64 -5.17
N GLY A 39 3.35 -19.56 -4.43
CA GLY A 39 2.57 -20.50 -3.64
C GLY A 39 3.42 -21.32 -2.68
N VAL A 40 2.82 -21.68 -1.55
CA VAL A 40 3.45 -22.59 -0.62
C VAL A 40 3.67 -23.94 -1.30
N GLY A 41 4.87 -24.48 -1.16
CA GLY A 41 5.20 -25.77 -1.74
C GLY A 41 5.95 -25.65 -3.05
N MET A 42 6.12 -24.42 -3.54
CA MET A 42 6.86 -24.20 -4.77
C MET A 42 8.36 -24.30 -4.54
N LYS A 43 9.11 -24.60 -5.61
CA LYS A 43 10.55 -24.78 -5.53
C LYS A 43 11.28 -23.64 -6.21
N VAL A 44 12.33 -23.15 -5.57
CA VAL A 44 13.11 -22.04 -6.13
C VAL A 44 14.61 -22.26 -5.90
N GLU A 45 15.43 -21.62 -6.74
CA GLU A 45 16.86 -21.55 -6.50
C GLU A 45 17.14 -20.34 -5.61
N VAL A 46 17.77 -20.58 -4.47
CA VAL A 46 18.01 -19.53 -3.49
C VAL A 46 19.47 -19.60 -3.05
N GLU A 47 19.99 -18.52 -2.49
CA GLU A 47 21.39 -18.46 -2.10
C GLU A 47 21.75 -19.50 -1.05
N ASN A 48 22.84 -20.22 -1.31
CA ASN A 48 23.40 -21.15 -0.35
C ASN A 48 24.32 -20.40 0.60
N THR A 49 23.91 -20.27 1.85
CA THR A 49 24.72 -19.59 2.85
C THR A 49 25.61 -20.58 3.60
N ASP A 50 25.26 -21.86 3.54
CA ASP A 50 25.99 -22.90 4.26
C ASP A 50 26.99 -23.62 3.36
N CYS A 51 27.86 -22.86 2.72
CA CYS A 51 28.93 -23.42 1.91
C CYS A 51 29.96 -22.34 1.59
N ASP A 52 31.22 -22.73 1.48
CA ASP A 52 32.29 -21.78 1.19
C ASP A 52 32.79 -21.89 -0.26
N SER A 53 34.10 -21.91 -0.42
CA SER A 53 34.72 -21.92 -1.73
C SER A 53 34.63 -23.27 -2.46
N ILE A 54 33.51 -23.97 -2.26
CA ILE A 54 33.29 -25.24 -2.91
C ILE A 54 33.15 -25.04 -4.42
N GLU A 55 32.30 -24.10 -4.80
CA GLU A 55 32.14 -23.73 -6.19
C GLU A 55 33.32 -22.88 -6.64
N VAL A 56 33.88 -23.20 -7.80
CA VAL A 56 34.97 -22.40 -8.35
C VAL A 56 34.45 -21.15 -9.03
N ILE A 57 34.87 -19.99 -8.54
CA ILE A 57 34.47 -18.71 -9.12
C ILE A 57 35.67 -18.03 -9.79
N GLN A 58 35.57 -17.84 -11.10
CA GLN A 58 36.60 -17.12 -11.84
C GLN A 58 36.58 -15.66 -11.44
N PRO A 59 37.74 -14.99 -11.47
CA PRO A 59 37.80 -13.56 -11.18
C PRO A 59 36.91 -12.76 -12.13
N GLY A 60 36.01 -11.96 -11.58
CA GLY A 60 35.08 -11.19 -12.37
C GLY A 60 33.66 -11.72 -12.25
N GLN A 61 33.55 -12.94 -11.73
CA GLN A 61 32.24 -13.57 -11.52
C GLN A 61 31.72 -13.31 -10.12
N THR A 62 30.40 -13.34 -9.96
CA THR A 62 29.77 -13.16 -8.67
C THR A 62 30.08 -14.34 -7.74
N PRO A 63 30.58 -14.05 -6.54
CA PRO A 63 30.97 -15.08 -5.57
C PRO A 63 29.79 -15.59 -4.72
N THR A 64 28.69 -15.93 -5.37
CA THR A 64 27.52 -16.45 -4.67
C THR A 64 27.15 -17.84 -5.19
N SER A 65 26.83 -18.76 -4.28
CA SER A 65 26.41 -20.10 -4.67
C SER A 65 24.94 -20.34 -4.34
N PHE A 66 24.28 -21.18 -5.14
CA PHE A 66 22.85 -21.41 -4.97
C PHE A 66 22.51 -22.88 -4.73
N TRP A 67 21.41 -23.11 -4.04
CA TRP A 67 20.83 -24.43 -3.84
C TRP A 67 19.32 -24.28 -4.00
N VAL A 68 18.59 -25.39 -4.00
CA VAL A 68 17.15 -25.33 -4.18
C VAL A 68 16.41 -25.46 -2.86
N ALA A 69 15.33 -24.70 -2.72
CA ALA A 69 14.55 -24.70 -1.48
C ALA A 69 13.06 -24.73 -1.77
N THR A 70 12.28 -25.12 -0.76
CA THR A 70 10.84 -25.09 -0.85
C THR A 70 10.29 -23.96 0.00
N ILE A 71 9.34 -23.19 -0.54
CA ILE A 71 8.67 -22.17 0.23
C ILE A 71 7.63 -22.81 1.15
N LEU A 72 7.83 -22.70 2.45
CA LEU A 72 6.94 -23.32 3.44
C LEU A 72 5.81 -22.39 3.86
N GLU A 73 6.13 -21.12 4.07
CA GLU A 73 5.14 -20.13 4.48
C GLU A 73 5.38 -18.80 3.77
N ILE A 74 4.30 -18.06 3.57
CA ILE A 74 4.38 -16.71 3.01
C ILE A 74 3.59 -15.74 3.87
N LYS A 75 4.28 -14.77 4.47
CA LYS A 75 3.65 -13.76 5.31
C LYS A 75 4.00 -12.37 4.77
N GLY A 76 3.08 -11.78 4.00
CA GLY A 76 3.39 -10.56 3.30
C GLY A 76 4.46 -10.83 2.26
N TYR A 77 5.55 -10.07 2.31
CA TYR A 77 6.66 -10.30 1.40
C TYR A 77 7.61 -11.37 1.94
N LYS A 78 7.40 -11.78 3.18
CA LYS A 78 8.28 -12.75 3.83
C LYS A 78 7.96 -14.18 3.39
N ALA A 79 9.00 -14.95 3.11
CA ALA A 79 8.83 -16.36 2.77
C ALA A 79 9.77 -17.23 3.59
N LEU A 80 9.23 -18.28 4.21
CA LEU A 80 10.03 -19.22 4.97
C LEU A 80 10.61 -20.27 4.03
N MET A 81 11.94 -20.28 3.91
CA MET A 81 12.62 -21.18 2.99
C MET A 81 13.16 -22.43 3.68
N SER A 82 13.09 -23.55 2.99
CA SER A 82 13.65 -24.79 3.51
C SER A 82 14.46 -25.49 2.43
N TYR A 83 15.77 -25.60 2.65
CA TYR A 83 16.67 -26.25 1.71
C TYR A 83 16.26 -27.70 1.49
N GLU A 84 16.25 -28.13 0.23
CA GLU A 84 16.01 -29.53 -0.07
C GLU A 84 17.17 -30.35 0.48
N GLY A 85 16.85 -31.50 1.09
CA GLY A 85 17.87 -32.38 1.62
C GLY A 85 17.90 -32.43 3.14
N PHE A 86 17.35 -31.39 3.78
CA PHE A 86 17.28 -31.34 5.23
C PHE A 86 16.09 -32.12 5.75
N ASP A 87 16.32 -32.92 6.79
CA ASP A 87 15.26 -33.74 7.38
C ASP A 87 14.47 -32.98 8.42
N THR A 88 15.10 -31.98 9.03
CA THR A 88 14.47 -31.18 10.07
C THR A 88 14.36 -29.71 9.69
N ASP A 89 13.76 -28.92 10.58
CA ASP A 89 13.55 -27.50 10.31
C ASP A 89 14.65 -26.64 10.95
N SER A 90 15.77 -27.27 11.27
CA SER A 90 16.87 -26.60 11.96
C SER A 90 17.48 -25.45 11.15
N HIS A 91 17.43 -25.57 9.83
CA HIS A 91 18.04 -24.57 8.97
C HIS A 91 17.04 -23.84 8.08
N ASP A 92 15.77 -23.87 8.46
CA ASP A 92 14.76 -23.07 7.78
C ASP A 92 15.05 -21.60 8.04
N PHE A 93 14.89 -20.76 7.02
CA PHE A 93 15.23 -19.35 7.14
C PHE A 93 14.27 -18.44 6.38
N TRP A 94 14.04 -17.25 6.93
CA TRP A 94 13.15 -16.26 6.32
C TRP A 94 13.90 -15.35 5.36
N VAL A 95 13.27 -15.02 4.24
CA VAL A 95 13.82 -14.06 3.30
C VAL A 95 12.77 -13.03 2.92
N ASN A 96 13.23 -11.88 2.41
CA ASN A 96 12.36 -10.88 1.81
C ASN A 96 12.29 -11.11 0.30
N LEU A 97 11.16 -11.63 -0.16
CA LEU A 97 11.01 -12.18 -1.51
C LEU A 97 11.51 -11.30 -2.67
N CYS A 98 11.29 -9.99 -2.57
CA CYS A 98 11.64 -9.10 -3.67
C CYS A 98 12.96 -8.37 -3.42
N ASN A 99 13.65 -8.77 -2.36
CA ASN A 99 15.00 -8.27 -2.10
C ASN A 99 16.02 -9.37 -2.37
N ALA A 100 15.74 -10.55 -1.82
CA ALA A 100 16.68 -11.66 -1.85
C ALA A 100 16.89 -12.22 -3.25
N GLU A 101 17.99 -12.95 -3.42
CA GLU A 101 18.28 -13.62 -4.68
C GLU A 101 17.48 -14.92 -4.79
N VAL A 102 16.23 -14.80 -5.20
CA VAL A 102 15.38 -15.96 -5.41
C VAL A 102 15.13 -16.11 -6.90
N HIS A 103 15.28 -17.32 -7.42
CA HIS A 103 15.14 -17.55 -8.85
C HIS A 103 14.31 -18.78 -9.17
N SER A 104 13.83 -18.83 -10.42
CA SER A 104 13.20 -20.03 -10.94
C SER A 104 14.25 -21.12 -11.04
N VAL A 105 13.85 -22.37 -10.81
CA VAL A 105 14.77 -23.49 -10.97
C VAL A 105 15.27 -23.50 -12.42
N GLY A 106 16.58 -23.60 -12.60
CA GLY A 106 17.17 -23.58 -13.92
C GLY A 106 17.91 -22.29 -14.24
N TRP A 107 17.78 -21.31 -13.36
CA TRP A 107 18.42 -20.01 -13.54
C TRP A 107 19.94 -20.13 -13.55
N CYS A 108 20.49 -20.87 -12.59
CA CYS A 108 21.93 -21.04 -12.49
C CYS A 108 22.53 -21.72 -13.71
N ALA A 109 21.87 -22.75 -14.22
CA ALA A 109 22.36 -23.51 -15.36
C ALA A 109 22.47 -22.63 -16.62
N THR A 110 21.58 -21.65 -16.74
CA THR A 110 21.61 -20.72 -17.85
C THR A 110 22.89 -19.90 -17.81
N ARG A 111 23.38 -19.66 -16.59
CA ARG A 111 24.62 -18.91 -16.40
C ARG A 111 25.82 -19.84 -16.18
N GLY A 112 25.60 -21.12 -16.42
CA GLY A 112 26.67 -22.11 -16.32
C GLY A 112 27.13 -22.38 -14.89
N LYS A 113 26.28 -22.05 -13.93
CA LYS A 113 26.59 -22.27 -12.52
C LYS A 113 25.97 -23.58 -12.03
N PRO A 114 26.72 -24.33 -11.20
CA PRO A 114 26.18 -25.56 -10.60
C PRO A 114 25.48 -25.27 -9.28
N LEU A 115 24.49 -26.09 -8.93
CA LEU A 115 23.89 -26.02 -7.62
C LEU A 115 24.82 -26.66 -6.61
N ILE A 116 24.99 -26.03 -5.46
CA ILE A 116 25.90 -26.52 -4.45
C ILE A 116 25.13 -26.92 -3.19
N PRO A 117 25.25 -28.19 -2.79
CA PRO A 117 24.62 -28.65 -1.54
C PRO A 117 25.23 -27.93 -0.35
N PRO A 118 24.40 -27.50 0.61
CA PRO A 118 24.92 -26.94 1.86
C PRO A 118 25.80 -27.98 2.56
N ARG A 119 26.83 -27.54 3.28
CA ARG A 119 27.79 -28.44 3.92
C ARG A 119 27.14 -29.47 4.83
N THR A 120 26.07 -29.07 5.50
CA THR A 120 25.41 -29.92 6.49
C THR A 120 24.90 -31.23 5.89
N ILE A 121 24.45 -31.19 4.64
CA ILE A 121 23.83 -32.35 4.02
C ILE A 121 24.59 -32.88 2.81
N GLU A 122 25.70 -32.24 2.47
CA GLU A 122 26.45 -32.56 1.24
C GLU A 122 26.88 -34.01 1.12
N HIS A 123 26.92 -34.71 2.25
CA HIS A 123 27.42 -36.08 2.29
C HIS A 123 26.36 -37.11 1.94
N LYS A 124 25.10 -36.70 2.00
CA LYS A 124 23.98 -37.62 1.75
C LYS A 124 24.07 -38.28 0.39
N TYR A 125 24.67 -37.59 -0.58
CA TYR A 125 24.81 -38.14 -1.93
C TYR A 125 26.13 -37.75 -2.57
N LYS A 126 26.65 -38.63 -3.42
CA LYS A 126 27.80 -38.29 -4.25
C LYS A 126 27.32 -37.49 -5.44
N ASP A 127 26.30 -38.03 -6.11
CA ASP A 127 25.63 -37.33 -7.20
C ASP A 127 24.19 -37.07 -6.78
N TRP A 128 23.80 -35.80 -6.75
CA TRP A 128 22.50 -35.40 -6.25
C TRP A 128 21.41 -35.45 -7.31
N LYS A 129 21.74 -35.98 -8.48
CA LYS A 129 20.79 -36.04 -9.59
C LYS A 129 19.51 -36.80 -9.25
N ASP A 130 19.66 -38.03 -8.78
CA ASP A 130 18.50 -38.87 -8.46
C ASP A 130 17.63 -38.26 -7.34
N PHE A 131 18.28 -37.67 -6.34
CA PHE A 131 17.54 -37.01 -5.27
C PHE A 131 16.75 -35.83 -5.83
N LEU A 132 17.43 -34.97 -6.58
CA LEU A 132 16.82 -33.75 -7.12
C LEU A 132 15.73 -34.04 -8.13
N VAL A 133 15.96 -35.02 -8.99
CA VAL A 133 14.94 -35.43 -9.95
C VAL A 133 13.71 -35.93 -9.21
N GLY A 134 13.93 -36.73 -8.16
CA GLY A 134 12.83 -37.24 -7.36
C GLY A 134 12.07 -36.16 -6.61
N ARG A 135 12.78 -35.14 -6.13
CA ARG A 135 12.17 -34.07 -5.35
C ARG A 135 11.48 -33.02 -6.22
N LEU A 136 12.02 -32.78 -7.42
CA LEU A 136 11.58 -31.63 -8.22
C LEU A 136 10.62 -31.97 -9.35
N SER A 137 10.56 -33.24 -9.75
CA SER A 137 9.68 -33.66 -10.84
C SER A 137 8.22 -33.31 -10.57
N GLY A 138 7.61 -32.59 -11.49
CA GLY A 138 6.21 -32.22 -11.39
C GLY A 138 5.93 -31.09 -10.41
N ALA A 139 6.98 -30.57 -9.78
CA ALA A 139 6.82 -29.51 -8.79
C ALA A 139 6.66 -28.13 -9.43
N ARG A 140 6.11 -27.19 -8.68
CA ARG A 140 5.92 -25.83 -9.15
C ARG A 140 7.16 -24.98 -8.88
N THR A 141 7.51 -24.13 -9.85
CA THR A 141 8.60 -23.19 -9.69
C THR A 141 8.18 -21.80 -10.18
N LEU A 142 9.09 -20.84 -10.12
CA LEU A 142 8.80 -19.47 -10.53
C LEU A 142 8.70 -19.30 -12.04
N PRO A 143 7.76 -18.45 -12.50
CA PRO A 143 7.76 -18.02 -13.90
C PRO A 143 9.02 -17.21 -14.16
N SER A 144 9.64 -17.39 -15.32
CA SER A 144 10.92 -16.75 -15.62
C SER A 144 10.85 -15.22 -15.68
N ASN A 145 9.66 -14.69 -15.93
CA ASN A 145 9.49 -13.24 -16.09
C ASN A 145 9.03 -12.55 -14.83
N PHE A 146 9.03 -13.29 -13.72
CA PHE A 146 8.43 -12.83 -12.47
C PHE A 146 8.98 -11.48 -11.96
N TYR A 147 10.30 -11.37 -11.89
CA TYR A 147 10.92 -10.17 -11.33
C TYR A 147 10.96 -8.98 -12.28
N ASN A 148 10.80 -9.25 -13.57
CA ASN A 148 10.60 -8.18 -14.54
C ASN A 148 9.33 -7.42 -14.18
N LYS A 149 8.29 -8.17 -13.82
CA LYS A 149 7.02 -7.58 -13.44
C LYS A 149 7.12 -6.80 -12.13
N ILE A 150 7.93 -7.31 -11.21
CA ILE A 150 8.14 -6.66 -9.92
C ILE A 150 8.84 -5.32 -10.11
N ASN A 151 9.98 -5.35 -10.79
CA ASN A 151 10.76 -4.15 -11.05
C ASN A 151 9.97 -3.04 -11.74
N ASP A 152 9.05 -3.43 -12.61
CA ASP A 152 8.21 -2.46 -13.30
C ASP A 152 7.16 -1.84 -12.38
N SER A 153 7.02 -2.40 -11.18
CA SER A 153 6.04 -1.90 -10.23
C SER A 153 6.69 -1.14 -9.08
N LEU A 154 7.98 -0.82 -9.24
CA LEU A 154 8.71 -0.11 -8.19
C LEU A 154 8.77 1.39 -8.48
N GLN A 155 8.83 1.74 -9.76
CA GLN A 155 8.90 3.13 -10.18
C GLN A 155 7.61 3.89 -9.90
N SER A 156 7.77 5.12 -9.39
CA SER A 156 6.63 6.00 -9.17
C SER A 156 6.21 6.63 -10.49
N ARG A 157 4.96 7.06 -10.57
CA ARG A 157 4.49 7.75 -11.76
C ARG A 157 5.06 9.17 -11.78
N PHE A 158 5.57 9.63 -10.63
CA PHE A 158 6.13 10.97 -10.51
C PHE A 158 7.65 10.95 -10.55
N ARG A 159 8.24 12.14 -10.73
CA ARG A 159 9.68 12.30 -10.60
C ARG A 159 10.00 13.61 -9.88
N LEU A 160 11.25 13.78 -9.45
CA LEU A 160 11.64 14.99 -8.73
C LEU A 160 11.55 16.22 -9.62
N GLY A 161 11.08 17.32 -9.06
CA GLY A 161 11.03 18.57 -9.79
C GLY A 161 9.64 18.90 -10.32
N LEU A 162 8.75 17.91 -10.28
CA LEU A 162 7.38 18.14 -10.74
C LEU A 162 6.64 19.05 -9.77
N ASN A 163 5.88 19.99 -10.32
CA ASN A 163 5.06 20.88 -9.51
C ASN A 163 3.60 20.45 -9.52
N LEU A 164 2.99 20.43 -8.35
CA LEU A 164 1.58 20.05 -8.23
C LEU A 164 0.90 20.83 -7.12
N GLU A 165 -0.43 20.81 -7.14
CA GLU A 165 -1.23 21.49 -6.13
C GLU A 165 -1.66 20.50 -5.06
N CYS A 166 -1.29 20.75 -3.82
CA CYS A 166 -1.65 19.85 -2.74
C CYS A 166 -2.14 20.60 -1.50
N VAL A 167 -2.92 19.91 -0.67
CA VAL A 167 -3.55 20.52 0.48
C VAL A 167 -2.53 21.12 1.44
N ASP A 168 -2.82 22.34 1.89
CA ASP A 168 -1.98 23.04 2.86
C ASP A 168 -2.28 22.48 4.25
N LYS A 169 -1.27 21.89 4.88
CA LYS A 169 -1.46 21.29 6.20
C LYS A 169 -1.65 22.35 7.28
N ASP A 170 -1.27 23.59 6.98
CA ASP A 170 -1.46 24.69 7.92
C ASP A 170 -2.78 25.42 7.65
N ARG A 171 -3.44 25.07 6.56
CA ARG A 171 -4.70 25.70 6.17
C ARG A 171 -5.41 24.81 5.16
N ILE A 172 -6.10 23.78 5.65
CA ILE A 172 -6.57 22.70 4.80
C ILE A 172 -7.68 23.09 3.82
N SER A 173 -8.19 24.31 3.96
CA SER A 173 -9.23 24.80 3.07
C SER A 173 -8.68 25.27 1.74
N GLN A 174 -7.36 25.24 1.60
CA GLN A 174 -6.71 25.65 0.36
C GLN A 174 -5.63 24.65 -0.05
N VAL A 175 -5.38 24.57 -1.35
CA VAL A 175 -4.23 23.83 -1.85
C VAL A 175 -3.09 24.83 -2.10
N ARG A 176 -1.86 24.36 -1.98
CA ARG A 176 -0.69 25.21 -2.17
C ARG A 176 0.27 24.56 -3.15
N LEU A 177 0.89 25.37 -4.00
CA LEU A 177 1.84 24.86 -4.98
C LEU A 177 3.03 24.23 -4.27
N ALA A 178 3.42 23.04 -4.71
CA ALA A 178 4.52 22.31 -4.09
C ALA A 178 5.32 21.55 -5.14
N THR A 179 6.53 21.15 -4.79
CA THR A 179 7.39 20.42 -5.72
C THR A 179 7.86 19.09 -5.11
N VAL A 180 7.89 18.05 -5.95
CA VAL A 180 8.37 16.75 -5.52
C VAL A 180 9.88 16.78 -5.33
N THR A 181 10.33 16.58 -4.10
CA THR A 181 11.75 16.68 -3.79
C THR A 181 12.35 15.34 -3.35
N LYS A 182 11.49 14.43 -2.91
CA LYS A 182 11.92 13.09 -2.49
C LYS A 182 10.89 12.04 -2.87
N ILE A 183 11.36 10.84 -3.20
CA ILE A 183 10.49 9.69 -3.45
C ILE A 183 11.04 8.43 -2.80
N VAL A 184 10.25 7.84 -1.90
CA VAL A 184 10.61 6.56 -1.28
C VAL A 184 9.44 5.59 -1.36
N GLY A 185 9.60 4.53 -2.13
CA GLY A 185 8.57 3.52 -2.30
C GLY A 185 7.25 4.07 -2.78
N LYS A 186 7.33 5.05 -3.67
CA LYS A 186 6.17 5.76 -4.22
C LYS A 186 5.50 6.73 -3.24
N ARG A 187 6.09 6.88 -2.06
CA ARG A 187 5.67 7.92 -1.14
C ARG A 187 6.47 9.19 -1.43
N LEU A 188 5.76 10.26 -1.79
CA LEU A 188 6.39 11.50 -2.20
C LEU A 188 6.55 12.46 -1.04
N PHE A 189 7.63 13.23 -1.04
CA PHE A 189 7.73 14.40 -0.17
C PHE A 189 7.52 15.63 -1.02
N LEU A 190 6.54 16.44 -0.64
CA LEU A 190 6.19 17.64 -1.39
C LEU A 190 6.53 18.88 -0.58
N ARG A 191 7.54 19.62 -1.04
CA ARG A 191 7.94 20.86 -0.37
C ARG A 191 7.19 22.05 -0.95
N TYR A 192 6.48 22.77 -0.09
CA TYR A 192 5.71 23.93 -0.52
C TYR A 192 6.63 25.00 -1.12
N PHE A 193 6.16 25.64 -2.19
CA PHE A 193 6.94 26.71 -2.83
C PHE A 193 7.17 27.85 -1.86
N ASP A 194 8.35 28.46 -1.97
CA ASP A 194 8.74 29.58 -1.11
C ASP A 194 8.75 29.23 0.38
N SER A 195 9.08 27.97 0.69
CA SER A 195 9.27 27.54 2.07
C SER A 195 10.05 26.24 2.13
N ASP A 196 10.54 25.89 3.31
CA ASP A 196 11.28 24.64 3.49
C ASP A 196 10.46 23.60 4.24
N ASP A 197 9.14 23.80 4.27
CA ASP A 197 8.24 22.86 4.93
C ASP A 197 7.43 22.09 3.90
N GLY A 198 6.97 20.91 4.30
CA GLY A 198 6.22 20.04 3.40
C GLY A 198 5.65 18.84 4.12
N PHE A 199 5.31 17.80 3.37
CA PHE A 199 4.76 16.59 3.96
C PHE A 199 4.93 15.36 3.08
N TRP A 200 4.87 14.19 3.69
CA TRP A 200 4.93 12.94 2.95
C TRP A 200 3.53 12.43 2.63
N CYS A 201 3.38 11.85 1.44
CA CYS A 201 2.14 11.18 1.07
C CYS A 201 2.41 10.21 -0.09
N HIS A 202 1.61 9.16 -0.18
CA HIS A 202 1.72 8.23 -1.29
C HIS A 202 1.25 8.88 -2.59
N GLU A 203 1.79 8.42 -3.72
CA GLU A 203 1.47 8.99 -5.03
C GLU A 203 -0.02 8.86 -5.36
N ASP A 204 -0.72 7.97 -4.68
CA ASP A 204 -2.14 7.74 -4.92
C ASP A 204 -3.02 8.53 -3.95
N SER A 205 -2.40 9.39 -3.16
CA SER A 205 -3.13 10.19 -2.17
C SER A 205 -4.13 11.13 -2.82
N PRO A 206 -5.32 11.27 -2.21
CA PRO A 206 -6.38 12.12 -2.77
C PRO A 206 -6.18 13.61 -2.46
N ILE A 207 -5.10 13.95 -1.76
CA ILE A 207 -4.86 15.35 -1.39
C ILE A 207 -3.79 16.02 -2.25
N ILE A 208 -3.38 15.36 -3.32
CA ILE A 208 -2.52 15.97 -4.31
C ILE A 208 -3.22 16.02 -5.66
N HIS A 209 -3.00 17.09 -6.40
CA HIS A 209 -3.75 17.34 -7.63
C HIS A 209 -2.86 17.94 -8.71
N PRO A 210 -3.22 17.72 -9.99
CA PRO A 210 -2.42 18.27 -11.09
C PRO A 210 -2.48 19.80 -11.18
N VAL A 211 -1.55 20.36 -11.94
CA VAL A 211 -1.54 21.79 -12.20
C VAL A 211 -2.82 22.21 -12.92
N GLY A 212 -3.50 23.20 -12.37
CA GLY A 212 -4.73 23.70 -12.96
C GLY A 212 -5.97 23.10 -12.33
N TRP A 213 -5.79 22.23 -11.35
CA TRP A 213 -6.91 21.56 -10.71
C TRP A 213 -7.80 22.52 -9.92
N ALA A 214 -7.18 23.30 -9.04
CA ALA A 214 -7.91 24.26 -8.19
C ALA A 214 -8.72 25.25 -9.01
N THR A 215 -8.13 25.73 -10.10
CA THR A 215 -8.79 26.70 -10.97
C THR A 215 -10.01 26.06 -11.65
N THR A 216 -9.82 24.86 -12.19
CA THR A 216 -10.88 24.13 -12.87
C THR A 216 -12.00 23.73 -11.91
N VAL A 217 -11.61 23.26 -10.73
CA VAL A 217 -12.57 22.77 -9.75
C VAL A 217 -13.23 23.91 -8.96
N GLY A 218 -12.44 24.92 -8.62
CA GLY A 218 -12.95 26.05 -7.86
C GLY A 218 -12.56 25.97 -6.40
N HIS A 219 -11.42 25.33 -6.15
CA HIS A 219 -10.87 25.20 -4.80
C HIS A 219 -9.96 26.39 -4.51
N ASN A 220 -9.83 26.76 -3.23
CA ASN A 220 -8.91 27.83 -2.85
C ASN A 220 -7.47 27.46 -3.20
N LEU A 221 -6.70 28.44 -3.67
CA LEU A 221 -5.36 28.19 -4.17
C LEU A 221 -4.35 29.23 -3.69
N ALA A 222 -3.26 28.77 -3.10
CA ALA A 222 -2.14 29.65 -2.75
C ALA A 222 -0.93 29.27 -3.60
N ALA A 223 -0.35 30.26 -4.27
CA ALA A 223 0.72 30.02 -5.22
C ALA A 223 1.44 31.33 -5.54
N PRO A 224 2.67 31.24 -6.09
CA PRO A 224 3.38 32.43 -6.56
C PRO A 224 2.57 33.19 -7.61
N GLN A 225 2.81 34.50 -7.72
CA GLN A 225 2.04 35.36 -8.63
C GLN A 225 2.03 34.88 -10.08
N ASP A 226 3.21 34.54 -10.59
CA ASP A 226 3.34 34.11 -11.98
C ASP A 226 2.53 32.85 -12.27
N TYR A 227 2.51 31.92 -11.33
CA TYR A 227 1.69 30.71 -11.46
C TYR A 227 0.23 31.10 -11.38
N LEU A 228 -0.10 31.95 -10.43
CA LEU A 228 -1.46 32.41 -10.18
C LEU A 228 -2.05 33.07 -11.42
N GLU A 229 -1.24 33.86 -12.10
CA GLU A 229 -1.69 34.56 -13.31
C GLU A 229 -1.72 33.65 -14.52
N ARG A 230 -0.85 32.64 -14.53
CA ARG A 230 -0.86 31.64 -15.61
C ARG A 230 -2.15 30.82 -15.55
N MET A 231 -2.61 30.52 -14.33
CA MET A 231 -3.84 29.76 -14.15
C MET A 231 -5.05 30.56 -14.62
N LEU A 232 -5.05 31.86 -14.32
CA LEU A 232 -6.17 32.72 -14.67
C LEU A 232 -6.42 32.79 -16.17
N ALA A 233 -5.37 32.58 -16.95
CA ALA A 233 -5.50 32.51 -18.40
C ALA A 233 -5.90 31.09 -18.81
N GLY A 234 -7.18 30.92 -19.12
CA GLY A 234 -7.71 29.62 -19.49
C GLY A 234 -8.95 29.25 -18.71
N ILE A 239 -5.34 26.71 -21.83
CA ILE A 239 -4.45 27.03 -20.71
C ILE A 239 -3.00 26.63 -21.02
N GLU A 240 -2.08 27.58 -20.86
CA GLU A 240 -0.67 27.38 -21.16
C GLU A 240 -0.04 26.31 -20.27
N VAL A 241 0.79 25.46 -20.85
CA VAL A 241 1.44 24.37 -20.13
C VAL A 241 2.89 24.70 -19.79
N HIS A 242 3.49 23.91 -18.90
CA HIS A 242 4.87 24.08 -18.50
C HIS A 242 5.56 22.73 -18.36
N GLU A 243 6.88 22.71 -18.52
CA GLU A 243 7.63 21.46 -18.56
C GLU A 243 7.62 20.67 -17.24
N ASP A 244 7.44 21.38 -16.13
CA ASP A 244 7.45 20.73 -14.82
C ASP A 244 6.05 20.58 -14.22
N ASP A 245 5.03 20.78 -15.05
CA ASP A 245 3.65 20.61 -14.59
C ASP A 245 3.30 19.13 -14.41
N ALA A 246 2.85 18.79 -13.21
CA ALA A 246 2.27 17.47 -12.97
C ALA A 246 0.90 17.44 -13.62
N THR A 247 0.74 16.59 -14.63
CA THR A 247 -0.50 16.54 -15.39
C THR A 247 -1.48 15.50 -14.85
N ILE A 248 -2.70 15.52 -15.37
CA ILE A 248 -3.81 14.73 -14.83
C ILE A 248 -3.60 13.22 -14.86
N GLU A 249 -2.97 12.72 -15.91
CA GLU A 249 -2.80 11.27 -16.06
C GLU A 249 -1.85 10.67 -15.02
N LEU A 250 -1.17 11.52 -14.26
CA LEU A 250 -0.28 11.06 -13.20
C LEU A 250 -1.05 10.77 -11.92
N PHE A 251 -2.31 11.20 -11.87
CA PHE A 251 -3.08 11.15 -10.63
C PHE A 251 -4.17 10.09 -10.63
N LYS A 252 -4.32 9.42 -9.49
CA LYS A 252 -5.31 8.36 -9.36
C LYS A 252 -6.67 8.88 -8.97
N MET A 253 -7.67 8.55 -9.77
CA MET A 253 -9.05 8.88 -9.49
C MET A 253 -9.90 7.63 -9.64
N ASN A 254 -10.97 7.54 -8.85
CA ASN A 254 -11.92 6.44 -9.00
C ASN A 254 -13.15 6.90 -9.76
N PHE A 255 -12.98 7.94 -10.56
CA PHE A 255 -14.06 8.49 -11.38
C PHE A 255 -13.50 9.16 -12.62
N THR A 256 -14.39 9.63 -13.49
CA THR A 256 -13.98 10.31 -14.71
C THR A 256 -14.60 11.71 -14.76
N PHE A 257 -13.86 12.66 -15.30
CA PHE A 257 -14.39 14.00 -15.53
C PHE A 257 -15.51 13.96 -16.57
N ASP A 258 -15.54 12.89 -17.35
CA ASP A 258 -16.56 12.71 -18.38
C ASP A 258 -17.90 12.26 -17.78
N GLU A 259 -17.86 11.73 -16.56
CA GLU A 259 -19.08 11.32 -15.87
C GLU A 259 -19.99 12.52 -15.66
N TYR A 260 -19.39 13.67 -15.44
CA TYR A 260 -20.13 14.93 -15.32
C TYR A 260 -20.17 15.59 -16.68
N TYR A 261 -20.79 16.77 -16.75
CA TYR A 261 -20.82 17.53 -17.99
C TYR A 261 -19.52 18.31 -18.14
N SER A 262 -19.37 19.02 -19.27
CA SER A 262 -18.17 19.76 -19.55
C SER A 262 -17.94 20.90 -18.55
N ASP A 263 -19.04 21.48 -18.06
CA ASP A 263 -18.96 22.59 -17.11
C ASP A 263 -18.75 22.09 -15.68
N GLY A 264 -18.91 20.78 -15.49
CA GLY A 264 -18.69 20.17 -14.19
C GLY A 264 -19.79 20.45 -13.19
N LYS A 265 -20.95 20.89 -13.68
CA LYS A 265 -22.09 21.19 -12.82
C LYS A 265 -22.63 19.92 -12.17
N THR A 266 -22.64 19.90 -10.84
CA THR A 266 -23.14 18.74 -10.09
C THR A 266 -24.35 19.12 -9.25
N ASN A 267 -25.31 18.21 -9.16
CA ASN A 267 -26.52 18.44 -8.36
C ASN A 267 -26.84 17.25 -7.45
N SER A 268 -25.79 16.58 -6.97
CA SER A 268 -25.95 15.48 -6.02
C SER A 268 -25.94 16.01 -4.59
N PHE A 269 -24.75 16.13 -4.00
CA PHE A 269 -24.61 16.74 -2.68
C PHE A 269 -24.96 18.24 -2.77
N VAL A 270 -25.65 18.74 -1.76
CA VAL A 270 -26.07 20.13 -1.73
C VAL A 270 -25.61 20.79 -0.42
N GLU A 271 -25.31 22.08 -0.47
CA GLU A 271 -24.88 22.82 0.71
C GLU A 271 -25.90 22.74 1.83
N GLY A 272 -25.42 22.42 3.04
CA GLY A 272 -26.28 22.30 4.19
C GLY A 272 -26.51 20.86 4.61
N MET A 273 -26.32 19.93 3.68
CA MET A 273 -26.53 18.51 3.95
C MET A 273 -25.60 17.99 5.05
N LYS A 274 -26.16 17.19 5.95
CA LYS A 274 -25.38 16.59 7.03
C LYS A 274 -24.93 15.18 6.66
N LEU A 275 -23.79 14.78 7.20
CA LEU A 275 -23.25 13.44 6.99
C LEU A 275 -22.20 13.14 8.06
N GLU A 276 -21.51 12.01 7.90
CA GLU A 276 -20.39 11.70 8.77
C GLU A 276 -19.10 11.63 7.94
N ALA A 277 -17.97 11.84 8.59
CA ALA A 277 -16.69 11.82 7.91
C ALA A 277 -15.56 11.63 8.89
N VAL A 278 -14.46 11.06 8.40
CA VAL A 278 -13.25 10.96 9.20
C VAL A 278 -12.63 12.35 9.32
N ASP A 279 -12.34 12.76 10.55
CA ASP A 279 -11.69 14.04 10.80
C ASP A 279 -10.33 14.07 10.13
N PRO A 280 -10.16 14.95 9.13
CA PRO A 280 -8.90 15.05 8.40
C PRO A 280 -7.76 15.57 9.27
N LEU A 281 -8.09 16.13 10.43
CA LEU A 281 -7.08 16.60 11.37
C LEU A 281 -6.88 15.61 12.51
N ASN A 282 -7.77 14.63 12.58
CA ASN A 282 -7.65 13.56 13.56
C ASN A 282 -8.25 12.26 13.01
N LEU A 283 -7.39 11.45 12.40
CA LEU A 283 -7.81 10.24 11.70
C LEU A 283 -8.33 9.15 12.64
N SER A 284 -8.27 9.42 13.94
CA SER A 284 -8.81 8.51 14.94
C SER A 284 -10.29 8.79 15.19
N SER A 285 -10.79 9.85 14.57
CA SER A 285 -12.14 10.34 14.86
C SER A 285 -13.08 10.33 13.65
N ILE A 286 -14.32 9.93 13.89
CA ILE A 286 -15.39 10.09 12.93
C ILE A 286 -16.51 10.90 13.58
N CYS A 287 -16.96 11.96 12.90
CA CYS A 287 -17.91 12.89 13.48
C CYS A 287 -18.86 13.46 12.43
N PRO A 288 -20.01 14.00 12.87
CA PRO A 288 -20.94 14.70 11.96
C PRO A 288 -20.24 15.79 11.17
N ALA A 289 -20.67 15.99 9.93
CA ALA A 289 -20.06 16.99 9.07
C ALA A 289 -21.12 17.67 8.22
N THR A 290 -20.79 18.84 7.69
CA THR A 290 -21.73 19.63 6.92
C THR A 290 -21.12 20.09 5.61
N VAL A 291 -21.87 19.93 4.51
CA VAL A 291 -21.44 20.45 3.22
C VAL A 291 -21.52 21.97 3.23
N MET A 292 -20.37 22.63 3.14
CA MET A 292 -20.32 24.09 3.19
C MET A 292 -20.35 24.71 1.79
N ALA A 293 -19.71 24.03 0.84
CA ALA A 293 -19.69 24.52 -0.54
C ALA A 293 -19.51 23.37 -1.52
N VAL A 294 -20.36 23.36 -2.56
CA VAL A 294 -20.23 22.36 -3.61
C VAL A 294 -19.42 22.92 -4.76
N LEU A 295 -18.30 22.27 -5.06
CA LEU A 295 -17.45 22.71 -6.16
C LEU A 295 -17.85 21.99 -7.44
N LYS A 296 -16.93 21.90 -8.38
CA LYS A 296 -17.22 21.26 -9.66
C LYS A 296 -16.67 19.84 -9.72
N PHE A 297 -17.26 19.02 -10.59
CA PHE A 297 -16.79 17.65 -10.85
C PHE A 297 -16.82 16.75 -9.62
N GLY A 298 -17.78 16.98 -8.73
CA GLY A 298 -18.00 16.09 -7.60
C GLY A 298 -17.30 16.50 -6.30
N TYR A 299 -16.35 17.42 -6.40
CA TYR A 299 -15.65 17.90 -5.22
C TYR A 299 -16.51 18.85 -4.41
N MET A 300 -16.33 18.81 -3.09
CA MET A 300 -17.10 19.68 -2.19
C MET A 300 -16.31 19.99 -0.91
N MET A 301 -16.56 21.16 -0.35
CA MET A 301 -15.95 21.54 0.92
C MET A 301 -16.87 21.16 2.07
N ILE A 302 -16.35 20.43 3.04
CA ILE A 302 -17.15 20.08 4.22
C ILE A 302 -16.52 20.59 5.50
N ARG A 303 -17.36 20.73 6.52
CA ARG A 303 -16.89 21.18 7.83
C ARG A 303 -17.18 20.12 8.88
N ILE A 304 -16.15 19.77 9.64
CA ILE A 304 -16.32 18.89 10.78
C ILE A 304 -17.09 19.60 11.88
N ASP A 305 -18.25 19.06 12.25
CA ASP A 305 -19.13 19.71 13.22
C ASP A 305 -18.60 19.67 14.66
N SER A 306 -17.55 18.88 14.90
CA SER A 306 -16.97 18.78 16.24
C SER A 306 -16.01 19.93 16.51
N TYR A 307 -15.63 20.65 15.46
CA TYR A 307 -14.72 21.79 15.60
C TYR A 307 -15.38 22.92 16.37
N GLN A 308 -14.56 23.81 16.92
CA GLN A 308 -15.05 25.03 17.54
C GLN A 308 -15.64 25.93 16.44
N PRO A 309 -16.52 26.85 16.82
CA PRO A 309 -17.10 27.79 15.84
C PRO A 309 -16.03 28.54 15.05
N ASP A 310 -16.23 28.63 13.74
CA ASP A 310 -15.29 29.30 12.85
C ASP A 310 -15.98 29.78 11.58
N ALA A 311 -16.13 31.09 11.44
CA ALA A 311 -16.81 31.64 10.28
C ALA A 311 -15.87 31.86 9.09
N SER A 312 -14.57 31.86 9.35
CA SER A 312 -13.57 32.10 8.32
C SER A 312 -13.57 31.03 7.23
N GLY A 313 -14.00 29.82 7.59
CA GLY A 313 -14.02 28.72 6.66
C GLY A 313 -12.63 28.23 6.30
N SER A 314 -11.68 28.45 7.20
CA SER A 314 -10.30 28.06 6.97
C SER A 314 -10.09 26.59 7.30
N ASP A 315 -10.99 26.03 8.10
CA ASP A 315 -10.89 24.64 8.51
C ASP A 315 -11.77 23.72 7.68
N TRP A 316 -12.38 24.27 6.62
CA TRP A 316 -13.15 23.47 5.69
C TRP A 316 -12.21 22.53 4.95
N PHE A 317 -12.72 21.36 4.56
CA PHE A 317 -11.88 20.37 3.91
C PHE A 317 -12.58 19.78 2.69
N CYS A 318 -11.81 19.58 1.61
CA CYS A 318 -12.38 19.09 0.36
C CYS A 318 -12.39 17.57 0.29
N TYR A 319 -13.58 17.00 0.12
CA TYR A 319 -13.75 15.59 -0.17
C TYR A 319 -14.46 15.45 -1.51
N HIS A 320 -14.00 14.54 -2.35
CA HIS A 320 -14.78 14.20 -3.55
C HIS A 320 -15.96 13.35 -3.10
N GLU A 321 -17.04 13.38 -3.87
CA GLU A 321 -18.26 12.67 -3.48
C GLU A 321 -18.09 11.15 -3.48
N LYS A 322 -17.12 10.65 -4.24
CA LYS A 322 -16.85 9.22 -4.29
C LYS A 322 -15.76 8.81 -3.31
N SER A 323 -15.47 9.66 -2.33
CA SER A 323 -14.47 9.35 -1.33
C SER A 323 -14.98 8.28 -0.37
N PRO A 324 -14.11 7.32 -0.03
CA PRO A 324 -14.45 6.25 0.91
C PRO A 324 -14.33 6.71 2.36
N CYS A 325 -14.02 7.99 2.57
CA CYS A 325 -13.85 8.54 3.91
C CYS A 325 -15.03 9.40 4.36
N ILE A 326 -16.08 9.46 3.54
CA ILE A 326 -17.33 10.09 3.98
C ILE A 326 -18.42 9.04 4.09
N PHE A 327 -19.28 9.18 5.09
CA PHE A 327 -20.29 8.17 5.36
C PHE A 327 -21.65 8.81 5.60
N PRO A 328 -22.73 8.11 5.24
CA PRO A 328 -24.07 8.63 5.53
C PRO A 328 -24.28 8.73 7.03
N ALA A 329 -25.16 9.66 7.44
CA ALA A 329 -25.47 9.84 8.84
C ALA A 329 -26.03 8.56 9.45
N GLY A 330 -25.49 8.19 10.61
CA GLY A 330 -25.91 6.97 11.28
C GLY A 330 -24.95 5.83 11.06
N PHE A 331 -23.85 6.10 10.35
CA PHE A 331 -22.86 5.07 10.03
C PHE A 331 -22.21 4.50 11.30
N CYS A 332 -21.85 5.38 12.22
CA CYS A 332 -21.21 4.97 13.47
C CYS A 332 -22.11 4.13 14.36
N SER A 333 -23.33 4.61 14.60
CA SER A 333 -24.26 3.93 15.49
C SER A 333 -24.67 2.57 14.95
N VAL A 334 -24.81 2.49 13.63
CA VAL A 334 -25.21 1.27 12.96
C VAL A 334 -24.10 0.21 13.06
N ASN A 335 -22.86 0.67 13.13
CA ASN A 335 -21.71 -0.23 13.18
C ASN A 335 -21.01 -0.27 14.54
N ASN A 336 -21.70 0.20 15.57
CA ASN A 336 -21.15 0.24 16.93
C ASN A 336 -19.81 0.96 17.03
N ILE A 337 -19.74 2.14 16.41
CA ILE A 337 -18.57 2.99 16.52
C ILE A 337 -18.90 4.20 17.35
N SER A 338 -18.09 4.47 18.37
CA SER A 338 -18.27 5.65 19.21
C SER A 338 -18.04 6.91 18.39
N VAL A 339 -19.12 7.61 18.05
CA VAL A 339 -19.02 8.82 17.24
C VAL A 339 -18.55 10.01 18.05
N THR A 340 -17.80 10.91 17.42
CA THR A 340 -17.39 12.15 18.06
C THR A 340 -18.53 13.14 17.98
N PRO A 341 -19.09 13.51 19.15
CA PRO A 341 -20.25 14.41 19.18
C PRO A 341 -19.94 15.77 18.58
N PRO A 342 -20.90 16.37 17.87
CA PRO A 342 -20.72 17.72 17.32
C PRO A 342 -20.58 18.73 18.45
N ASN A 343 -19.82 19.80 18.22
CA ASN A 343 -19.52 20.78 19.24
C ASN A 343 -20.75 21.25 20.02
N GLY A 344 -20.70 21.14 21.33
CA GLY A 344 -21.79 21.55 22.19
C GLY A 344 -22.58 20.37 22.76
N TYR A 345 -22.54 19.25 22.05
CA TYR A 345 -23.29 18.06 22.45
C TYR A 345 -22.45 17.09 23.26
N ASP A 346 -23.11 16.18 23.96
CA ASP A 346 -22.45 15.19 24.80
C ASP A 346 -22.65 13.80 24.19
N SER A 347 -21.84 12.84 24.62
CA SER A 347 -21.97 11.47 24.14
C SER A 347 -23.32 10.87 24.49
N ARG A 348 -23.82 11.19 25.67
CA ARG A 348 -25.08 10.64 26.16
C ARG A 348 -26.28 11.45 25.67
N THR A 349 -26.02 12.68 25.23
CA THR A 349 -27.10 13.56 24.80
C THR A 349 -27.15 13.78 23.29
N PHE A 350 -26.43 12.94 22.53
CA PHE A 350 -26.42 13.08 21.08
C PHE A 350 -27.14 11.96 20.34
N THR A 351 -28.12 12.34 19.53
CA THR A 351 -28.72 11.45 18.56
C THR A 351 -28.87 12.22 17.26
N TRP A 352 -28.85 11.52 16.13
CA TRP A 352 -28.98 12.19 14.84
C TRP A 352 -30.36 12.82 14.65
N GLU A 353 -31.40 12.17 15.17
CA GLU A 353 -32.75 12.70 15.05
C GLU A 353 -32.89 14.03 15.79
N GLY A 354 -32.34 14.10 16.99
CA GLY A 354 -32.38 15.31 17.78
C GLY A 354 -31.50 16.39 17.17
N TYR A 355 -30.36 15.98 16.63
CA TYR A 355 -29.40 16.91 16.05
C TYR A 355 -29.96 17.57 14.79
N LEU A 356 -30.63 16.78 13.95
CA LEU A 356 -31.27 17.30 12.75
C LEU A 356 -32.45 18.20 13.11
N ARG A 357 -33.09 17.91 14.23
CA ARG A 357 -34.19 18.72 14.74
C ARG A 357 -33.71 20.13 15.11
N ASP A 358 -32.63 20.17 15.89
CA ASP A 358 -32.12 21.43 16.42
C ASP A 358 -31.52 22.33 15.34
N THR A 359 -30.94 21.72 14.32
CA THR A 359 -30.29 22.49 13.25
C THR A 359 -31.22 22.72 12.06
N GLY A 360 -32.34 22.03 12.07
CA GLY A 360 -33.29 22.12 10.97
C GLY A 360 -32.67 21.67 9.66
N ALA A 361 -31.73 20.74 9.75
CA ALA A 361 -30.98 20.29 8.58
C ALA A 361 -31.43 18.91 8.11
N VAL A 362 -31.02 18.57 6.89
CA VAL A 362 -31.34 17.27 6.31
C VAL A 362 -30.07 16.46 6.08
N ALA A 363 -30.13 15.18 6.45
CA ALA A 363 -29.00 14.28 6.21
C ALA A 363 -29.00 13.87 4.74
N ALA A 364 -27.81 13.78 4.17
CA ALA A 364 -27.66 13.36 2.77
C ALA A 364 -28.07 11.90 2.63
N GLY A 365 -28.87 11.60 1.60
CA GLY A 365 -29.39 10.27 1.39
C GLY A 365 -28.32 9.24 1.07
N GLN A 366 -28.62 7.98 1.35
CA GLN A 366 -27.70 6.88 1.10
C GLN A 366 -27.30 6.80 -0.37
N HIS A 367 -28.23 7.16 -1.25
CA HIS A 367 -28.02 7.09 -2.69
C HIS A 367 -26.90 8.00 -3.19
N LEU A 368 -26.57 9.03 -2.42
CA LEU A 368 -25.49 9.95 -2.79
C LEU A 368 -24.12 9.35 -2.50
N PHE A 369 -24.10 8.27 -1.72
CA PHE A 369 -22.85 7.64 -1.32
C PHE A 369 -22.53 6.42 -2.16
N HIS A 370 -21.27 6.27 -2.54
CA HIS A 370 -20.83 5.13 -3.34
C HIS A 370 -19.85 4.29 -2.52
N ARG A 371 -20.40 3.32 -1.79
CA ARG A 371 -19.58 2.49 -0.91
C ARG A 371 -19.82 1.00 -1.12
N ILE A 372 -19.31 0.47 -2.22
CA ILE A 372 -19.40 -0.96 -2.48
C ILE A 372 -18.38 -1.70 -1.60
N ILE A 373 -18.78 -2.87 -1.09
CA ILE A 373 -17.92 -3.60 -0.16
C ILE A 373 -17.29 -4.85 -0.80
N PRO A 374 -16.01 -4.76 -1.17
CA PRO A 374 -15.31 -5.90 -1.77
C PRO A 374 -14.93 -6.92 -0.70
N ASP A 375 -14.62 -8.15 -1.10
CA ASP A 375 -14.03 -9.09 -0.15
C ASP A 375 -12.52 -8.86 -0.13
N HIS A 376 -12.13 -7.76 0.50
CA HIS A 376 -10.76 -7.29 0.51
C HIS A 376 -9.78 -8.28 1.13
N GLY A 377 -10.30 -9.19 1.94
CA GLY A 377 -9.50 -10.24 2.54
C GLY A 377 -8.88 -9.84 3.87
N PHE A 378 -9.13 -8.62 4.31
CA PHE A 378 -8.60 -8.17 5.60
C PHE A 378 -9.39 -8.79 6.76
N GLU A 379 -8.65 -9.23 7.78
CA GLU A 379 -9.25 -9.83 8.97
C GLU A 379 -8.67 -9.21 10.22
N VAL A 380 -9.47 -9.22 11.30
CA VAL A 380 -9.02 -8.75 12.60
C VAL A 380 -7.85 -9.59 13.10
N GLY A 381 -6.79 -8.93 13.54
CA GLY A 381 -5.61 -9.61 14.04
C GLY A 381 -4.47 -9.61 13.04
N MET A 382 -4.79 -9.32 11.79
CA MET A 382 -3.78 -9.31 10.74
C MET A 382 -2.75 -8.20 10.94
N SER A 383 -1.49 -8.53 10.72
CA SER A 383 -0.40 -7.57 10.86
C SER A 383 -0.07 -6.94 9.52
N LEU A 384 0.37 -5.69 9.57
CA LEU A 384 0.73 -4.93 8.37
C LEU A 384 1.57 -3.71 8.75
N GLU A 385 2.00 -2.97 7.75
CA GLU A 385 2.75 -1.73 7.97
C GLU A 385 1.88 -0.54 7.57
N CYS A 386 1.76 0.44 8.47
CA CYS A 386 0.84 1.55 8.25
C CYS A 386 1.48 2.91 8.51
N ALA A 387 1.26 3.85 7.58
CA ALA A 387 1.78 5.21 7.75
C ALA A 387 1.04 5.94 8.85
N ASP A 388 1.79 6.63 9.71
CA ASP A 388 1.21 7.47 10.74
C ASP A 388 0.61 8.69 10.05
N LEU A 389 -0.71 8.70 9.89
CA LEU A 389 -1.37 9.78 9.15
C LEU A 389 -1.23 11.14 9.85
N MET A 390 -0.83 11.11 11.12
CA MET A 390 -0.57 12.34 11.87
C MET A 390 0.86 12.83 11.62
N ASP A 391 1.73 11.90 11.26
CA ASP A 391 3.13 12.22 10.98
C ASP A 391 3.63 11.29 9.87
N PRO A 392 3.22 11.57 8.62
CA PRO A 392 3.35 10.66 7.48
C PRO A 392 4.79 10.36 7.05
N ARG A 393 5.77 10.88 7.78
CA ARG A 393 7.16 10.51 7.54
C ARG A 393 7.41 9.13 8.15
N LEU A 394 6.48 8.69 8.99
CA LEU A 394 6.62 7.43 9.72
C LEU A 394 5.72 6.33 9.15
N VAL A 395 6.29 5.14 9.02
CA VAL A 395 5.51 3.94 8.73
C VAL A 395 5.77 2.96 9.88
N CYS A 396 4.69 2.42 10.45
CA CYS A 396 4.81 1.70 11.71
C CYS A 396 4.22 0.30 11.68
N VAL A 397 4.65 -0.51 12.65
CA VAL A 397 4.07 -1.83 12.87
C VAL A 397 2.61 -1.65 13.27
N ALA A 398 1.72 -2.37 12.59
CA ALA A 398 0.29 -2.17 12.81
C ALA A 398 -0.53 -3.46 12.73
N THR A 399 -1.70 -3.42 13.33
CA THR A 399 -2.61 -4.56 13.35
C THR A 399 -4.03 -4.10 13.01
N VAL A 400 -4.75 -4.91 12.25
CA VAL A 400 -6.16 -4.66 11.99
C VAL A 400 -6.95 -4.92 13.26
N ALA A 401 -7.51 -3.85 13.83
CA ALA A 401 -8.26 -3.97 15.08
C ALA A 401 -9.73 -4.28 14.80
N ARG A 402 -10.29 -3.66 13.77
CA ARG A 402 -11.68 -3.90 13.38
C ARG A 402 -11.85 -3.84 11.88
N VAL A 403 -12.86 -4.54 11.39
CA VAL A 403 -13.26 -4.47 9.99
C VAL A 403 -14.73 -4.07 9.91
N VAL A 404 -14.97 -2.86 9.42
CA VAL A 404 -16.33 -2.34 9.31
C VAL A 404 -16.69 -2.19 7.83
N GLY A 405 -17.20 -3.27 7.25
CA GLY A 405 -17.45 -3.31 5.82
C GLY A 405 -16.14 -3.21 5.07
N ARG A 406 -15.91 -2.08 4.42
CA ARG A 406 -14.67 -1.84 3.71
C ARG A 406 -13.77 -0.87 4.48
N LEU A 407 -14.21 -0.47 5.67
CA LEU A 407 -13.43 0.42 6.52
C LEU A 407 -12.66 -0.36 7.58
N LEU A 408 -11.39 -0.01 7.76
CA LEU A 408 -10.54 -0.70 8.73
C LEU A 408 -10.16 0.20 9.89
N LYS A 409 -10.19 -0.35 11.10
CA LYS A 409 -9.62 0.33 12.25
C LYS A 409 -8.22 -0.24 12.49
N VAL A 410 -7.21 0.59 12.30
CA VAL A 410 -5.83 0.13 12.38
C VAL A 410 -5.17 0.53 13.70
N HIS A 411 -4.67 -0.46 14.43
CA HIS A 411 -4.02 -0.22 15.71
C HIS A 411 -2.51 -0.25 15.54
N PHE A 412 -1.83 0.70 16.17
CA PHE A 412 -0.37 0.72 16.16
C PHE A 412 0.15 -0.05 17.37
N ASP A 413 0.76 -1.20 17.10
CA ASP A 413 1.22 -2.11 18.15
C ASP A 413 2.14 -1.41 19.15
N GLY A 414 1.83 -1.57 20.44
CA GLY A 414 2.64 -0.99 21.49
C GLY A 414 2.08 0.32 22.03
N TRP A 415 1.17 0.92 21.28
CA TRP A 415 0.55 2.18 21.69
C TRP A 415 -0.86 1.95 22.22
N THR A 416 -1.44 2.99 22.80
CA THR A 416 -2.81 2.90 23.28
C THR A 416 -3.79 2.94 22.11
N ASP A 417 -5.04 2.56 22.36
CA ASP A 417 -6.06 2.53 21.32
C ASP A 417 -6.47 3.93 20.85
N GLU A 418 -5.93 4.95 21.50
CA GLU A 418 -6.25 6.34 21.17
C GLU A 418 -5.60 6.78 19.87
N TYR A 419 -4.54 6.09 19.46
CA TYR A 419 -3.84 6.43 18.24
C TYR A 419 -4.35 5.65 17.04
N ASP A 420 -5.34 4.79 17.26
CA ASP A 420 -5.91 3.98 16.19
C ASP A 420 -6.42 4.88 15.05
N GLN A 421 -6.21 4.47 13.82
CA GLN A 421 -6.61 5.29 12.68
C GLN A 421 -7.59 4.55 11.77
N TRP A 422 -8.53 5.30 11.21
CA TRP A 422 -9.51 4.75 10.29
C TRP A 422 -8.99 4.81 8.86
N LEU A 423 -8.84 3.65 8.23
CA LEU A 423 -8.33 3.58 6.87
C LEU A 423 -9.19 2.67 5.99
N ASP A 424 -9.44 3.13 4.77
CA ASP A 424 -10.16 2.32 3.80
C ASP A 424 -9.33 1.08 3.46
N CYS A 425 -10.01 0.00 3.07
CA CYS A 425 -9.31 -1.25 2.76
C CYS A 425 -8.36 -1.09 1.58
N GLU A 426 -8.64 -0.11 0.72
CA GLU A 426 -7.81 0.14 -0.45
C GLU A 426 -7.01 1.43 -0.33
N SER A 427 -6.73 1.81 0.91
CA SER A 427 -5.92 3.00 1.19
C SER A 427 -4.49 2.76 0.72
N ALA A 428 -3.82 3.83 0.30
CA ALA A 428 -2.43 3.73 -0.16
C ALA A 428 -1.47 3.99 1.01
N ASP A 429 -2.01 4.07 2.22
CA ASP A 429 -1.20 4.33 3.40
C ASP A 429 -0.90 3.06 4.21
N ILE A 430 -1.47 1.93 3.78
CA ILE A 430 -1.16 0.64 4.39
C ILE A 430 -0.36 -0.24 3.44
N TYR A 431 0.52 -1.06 4.01
CA TYR A 431 1.45 -1.84 3.21
C TYR A 431 1.64 -3.24 3.80
N PRO A 432 2.01 -4.21 2.95
CA PRO A 432 2.24 -5.57 3.44
C PRO A 432 3.45 -5.64 4.36
N VAL A 433 3.49 -6.66 5.23
CA VAL A 433 4.65 -6.92 6.05
C VAL A 433 5.87 -7.16 5.15
N GLY A 434 6.92 -6.38 5.38
CA GLY A 434 8.13 -6.49 4.58
C GLY A 434 8.26 -5.38 3.54
N TRP A 435 7.27 -4.51 3.46
CA TRP A 435 7.28 -3.43 2.48
C TRP A 435 8.43 -2.44 2.72
N CYS A 436 8.65 -2.08 3.98
CA CYS A 436 9.72 -1.15 4.33
C CYS A 436 11.09 -1.67 3.92
N VAL A 437 11.33 -2.97 4.14
CA VAL A 437 12.58 -3.61 3.74
C VAL A 437 12.75 -3.55 2.22
N LEU A 438 11.67 -3.80 1.50
CA LEU A 438 11.71 -3.80 0.03
C LEU A 438 12.04 -2.42 -0.55
N VAL A 439 11.40 -1.38 -0.04
CA VAL A 439 11.55 -0.04 -0.62
C VAL A 439 12.57 0.80 0.13
N ASN A 440 13.17 0.22 1.16
CA ASN A 440 14.16 0.90 2.00
C ASN A 440 13.57 2.10 2.75
N HIS A 441 12.42 1.90 3.35
CA HIS A 441 11.80 2.87 4.25
C HIS A 441 12.03 2.38 5.67
N LYS A 442 12.14 3.30 6.62
CA LYS A 442 12.30 2.91 8.01
C LYS A 442 10.97 2.45 8.60
N LEU A 443 10.99 1.36 9.35
CA LEU A 443 9.80 0.84 10.00
C LEU A 443 9.84 1.09 11.50
N GLU A 444 8.83 1.79 12.01
CA GLU A 444 8.74 2.05 13.43
C GLU A 444 8.19 0.83 14.16
N GLY A 445 8.96 0.32 15.12
CA GLY A 445 8.52 -0.79 15.93
C GLY A 445 7.81 -0.28 17.16
N PRO A 446 7.28 -1.19 18.00
CA PRO A 446 6.63 -0.83 19.25
C PRO A 446 7.59 -0.09 20.19
N PRO A 447 7.08 0.85 20.98
CA PRO A 447 7.89 1.59 21.94
C PRO A 447 8.55 0.66 22.95
N ARG A 448 9.73 1.05 23.45
CA ARG A 448 10.47 0.23 24.41
C ARG A 448 9.71 0.08 25.72
N ALA B 1 -6.02 -22.60 -7.25
CA ALA B 1 -5.07 -21.89 -8.11
C ALA B 1 -4.87 -22.65 -9.41
N GLY B 2 -3.65 -22.65 -9.93
CA GLY B 2 -3.27 -23.48 -11.05
C GLY B 2 -2.70 -24.78 -10.50
N MET B 3 -2.93 -25.90 -11.16
CA MET B 3 -3.56 -25.95 -12.47
C MET B 3 -5.08 -25.85 -12.48
N ALA B 4 -5.68 -25.81 -11.30
CA ALA B 4 -7.14 -25.85 -11.19
C ALA B 4 -7.82 -24.68 -11.91
N SER B 5 -7.46 -23.46 -11.53
CA SER B 5 -8.12 -22.27 -12.07
C SER B 5 -7.35 -21.63 -13.23
N ARG B 6 -6.46 -20.70 -12.90
CA ARG B 6 -5.80 -19.86 -13.90
C ARG B 6 -4.79 -20.59 -14.79
N ARG B 7 -4.10 -19.82 -15.61
CA ARG B 7 -3.18 -20.36 -16.61
C ARG B 7 -1.88 -20.88 -16.00
N TRP B 8 -1.37 -21.96 -16.59
CA TRP B 8 -0.11 -22.56 -16.15
C TRP B 8 0.54 -23.26 -17.34
N GLU B 9 1.85 -23.46 -17.25
CA GLU B 9 2.60 -24.12 -18.31
C GLU B 9 3.56 -25.15 -17.72
N GLN B 10 3.80 -26.21 -18.48
CA GLN B 10 4.89 -27.12 -18.16
C GLN B 10 6.19 -26.42 -18.53
N LYS B 11 7.22 -26.61 -17.73
CA LYS B 11 8.53 -26.08 -18.08
C LYS B 11 9.67 -27.04 -17.74
N LEU B 12 10.46 -27.37 -18.76
CA LEU B 12 11.63 -28.21 -18.58
C LEU B 12 12.78 -27.35 -18.08
N VAL B 13 13.40 -27.76 -16.98
CA VAL B 13 14.47 -26.99 -16.37
C VAL B 13 15.82 -27.72 -16.43
N HIS B 14 16.88 -26.94 -16.63
CA HIS B 14 18.24 -27.46 -16.73
C HIS B 14 18.90 -27.31 -15.37
N ILE B 15 19.55 -28.38 -14.89
CA ILE B 15 20.25 -28.33 -13.62
C ILE B 15 21.68 -28.87 -13.72
N LYS B 16 22.63 -28.10 -13.20
CA LYS B 16 24.02 -28.52 -13.15
C LYS B 16 24.44 -28.80 -11.72
N THR B 17 25.23 -29.84 -11.54
CA THR B 17 25.94 -30.06 -10.29
C THR B 17 27.40 -30.28 -10.65
N MET B 18 28.25 -30.42 -9.64
CA MET B 18 29.66 -30.67 -9.92
C MET B 18 29.91 -32.13 -10.28
N GLU B 19 28.83 -32.88 -10.49
CA GLU B 19 28.94 -34.29 -10.88
C GLU B 19 28.32 -34.52 -12.26
N GLY B 20 27.58 -33.54 -12.76
CA GLY B 20 26.96 -33.65 -14.08
C GLY B 20 25.74 -32.77 -14.27
N GLU B 21 25.15 -32.86 -15.45
CA GLU B 21 23.97 -32.06 -15.79
C GLU B 21 22.77 -32.95 -16.08
N PHE B 22 21.57 -32.44 -15.81
CA PHE B 22 20.35 -33.18 -16.08
C PHE B 22 19.15 -32.27 -16.24
N SER B 23 18.02 -32.84 -16.65
CA SER B 23 16.81 -32.09 -16.87
C SER B 23 15.68 -32.55 -15.95
N VAL B 24 14.84 -31.61 -15.53
CA VAL B 24 13.68 -31.93 -14.70
C VAL B 24 12.42 -31.30 -15.28
N THR B 25 11.31 -32.04 -15.24
CA THR B 25 10.04 -31.53 -15.72
C THR B 25 9.24 -30.91 -14.59
N MET B 26 9.06 -29.60 -14.66
CA MET B 26 8.34 -28.85 -13.62
C MET B 26 7.23 -28.04 -14.26
N TRP B 27 6.66 -27.11 -13.50
CA TRP B 27 5.63 -26.23 -14.04
C TRP B 27 5.57 -24.89 -13.32
N ALA B 28 4.92 -23.91 -13.95
CA ALA B 28 4.79 -22.58 -13.39
C ALA B 28 3.54 -21.88 -13.92
N SER B 29 3.04 -20.91 -13.15
CA SER B 29 1.87 -20.13 -13.56
C SER B 29 2.18 -19.32 -14.81
N GLY B 30 1.15 -19.02 -15.59
CA GLY B 30 1.33 -18.23 -16.79
C GLY B 30 1.50 -19.07 -18.04
#